data_6NWK
#
_entry.id   6NWK
#
_cell.length_a   71.787
_cell.length_b   96.407
_cell.length_c   107.903
_cell.angle_alpha   90.000
_cell.angle_beta   90.000
_cell.angle_gamma   90.000
#
_symmetry.space_group_name_H-M   'C 2 2 21'
#
loop_
_entity.id
_entity.type
_entity.pdbx_description
1 polymer 'glucocorticoid receptor'
2 polymer 'Peroxisome proliferator-activated receptor gamma coactivator 1-alpha'
3 non-polymer DEXAMETHASONE
4 non-polymer 'FORMIC ACID'
5 non-polymer 'ACETYL GROUP'
6 non-polymer 'DIMETHYL SULFOXIDE'
7 non-polymer GLYCEROL
8 water water
#
loop_
_entity_poly.entity_id
_entity_poly.type
_entity_poly.pdbx_seq_one_letter_code
_entity_poly.pdbx_strand_id
1 'polypeptide(L)'
;FPTLISLLEVIEPEVLYSGYDSTLPDTSTRLMSTLNRLGGRQVVSAVKWAKALPGFRNLHLDDQMTLLQYSWMSLMAFSL
GWRSYKQSNGNMLCFAPDLVINEERMQLPYMYDQCQQMLKISSEFVRLQVSYDEYLCMKVLLLLSTVPKDGLKSQAVFDE
IRMTYIKELGKAIVKREGNSSQNWQRFYQLTKLLDSMHEMVGGLLQFCFYTFVNKSLSVEFPEMLAEIISNQLPKFKAGS
VKPLLFHQK
;
A
2 'polypeptide(L)' PSLLKKLLLAPA B
#
# COMPACT_ATOMS: atom_id res chain seq x y z
N PHE A 1 -6.28 22.00 18.74
CA PHE A 1 -7.46 22.06 17.88
C PHE A 1 -7.32 21.06 16.74
N PRO A 2 -6.30 21.22 15.88
CA PRO A 2 -6.17 20.30 14.73
C PRO A 2 -5.57 18.98 15.21
N THR A 3 -6.22 17.88 14.83
CA THR A 3 -5.79 16.55 15.26
C THR A 3 -5.00 15.88 14.15
N LEU A 4 -4.18 14.91 14.53
CA LEU A 4 -3.40 14.19 13.52
C LEU A 4 -4.32 13.48 12.54
N ILE A 5 -5.41 12.93 13.01
CA ILE A 5 -6.35 12.25 12.13
C ILE A 5 -6.97 13.23 11.13
N SER A 6 -7.29 14.44 11.58
CA SER A 6 -7.86 15.39 10.62
C SER A 6 -6.84 15.75 9.55
N LEU A 7 -5.56 15.74 9.89
CA LEU A 7 -4.54 16.05 8.89
C LEU A 7 -4.39 14.89 7.90
N LEU A 8 -4.46 13.66 8.40
N LEU A 8 -4.47 13.65 8.40
CA LEU A 8 -4.42 12.50 7.48
CA LEU A 8 -4.43 12.50 7.49
C LEU A 8 -5.56 12.56 6.47
C LEU A 8 -5.56 12.56 6.47
N GLU A 9 -6.75 12.98 6.89
CA GLU A 9 -7.85 13.10 5.94
C GLU A 9 -7.51 14.11 4.86
N VAL A 10 -6.83 15.18 5.23
N VAL A 10 -6.86 15.22 5.22
CA VAL A 10 -6.66 16.26 4.30
CA VAL A 10 -6.70 16.27 4.22
C VAL A 10 -5.55 15.98 3.29
C VAL A 10 -5.48 16.08 3.33
N ILE A 11 -4.53 15.21 3.67
CA ILE A 11 -3.43 14.95 2.76
C ILE A 11 -3.65 13.72 1.88
N GLU A 12 -4.72 12.97 2.08
CA GLU A 12 -4.96 11.74 1.31
C GLU A 12 -5.14 12.13 -0.16
N PRO A 13 -4.37 11.54 -1.07
CA PRO A 13 -4.42 12.01 -2.45
C PRO A 13 -5.74 11.63 -3.12
N GLU A 14 -6.08 12.40 -4.15
CA GLU A 14 -7.26 12.08 -4.94
C GLU A 14 -7.00 10.85 -5.81
N VAL A 15 -8.07 10.12 -6.10
CA VAL A 15 -7.94 8.89 -6.88
C VAL A 15 -7.61 9.23 -8.33
N LEU A 16 -6.67 8.46 -8.91
CA LEU A 16 -6.23 8.64 -10.28
C LEU A 16 -7.08 7.85 -11.26
N TYR A 17 -7.23 8.41 -12.46
CA TYR A 17 -7.74 7.71 -13.62
C TYR A 17 -6.63 6.94 -14.33
N SER A 18 -7.01 5.85 -14.98
N SER A 18 -7.01 5.83 -14.97
CA SER A 18 -6.05 5.04 -15.71
CA SER A 18 -6.03 5.04 -15.72
C SER A 18 -5.83 5.53 -17.13
C SER A 18 -5.80 5.60 -17.12
N GLY A 19 -6.87 6.04 -17.78
CA GLY A 19 -6.80 6.35 -19.20
C GLY A 19 -6.77 5.12 -20.08
N TYR A 20 -7.20 3.97 -19.54
CA TYR A 20 -7.26 2.69 -20.26
C TYR A 20 -8.01 2.82 -21.58
N ASP A 21 -7.52 2.12 -22.61
CA ASP A 21 -8.10 2.14 -23.95
C ASP A 21 -8.88 0.85 -24.15
N SER A 22 -10.22 0.94 -24.16
CA SER A 22 -11.06 -0.23 -24.23
C SER A 22 -11.12 -0.83 -25.63
N THR A 23 -10.60 -0.14 -26.63
CA THR A 23 -10.67 -0.65 -27.99
C THR A 23 -9.64 -1.74 -28.27
N LEU A 24 -8.74 -2.00 -27.36
CA LEU A 24 -7.64 -2.90 -27.61
C LEU A 24 -7.99 -4.31 -27.18
N PRO A 25 -7.28 -5.32 -27.67
CA PRO A 25 -7.56 -6.69 -27.28
C PRO A 25 -7.43 -6.86 -25.78
N ASP A 26 -8.46 -7.39 -25.15
CA ASP A 26 -8.35 -7.71 -23.73
C ASP A 26 -7.45 -8.94 -23.64
N THR A 27 -6.20 -8.72 -23.23
CA THR A 27 -5.22 -9.77 -23.05
C THR A 27 -4.56 -9.57 -21.69
N SER A 28 -4.07 -10.65 -21.13
CA SER A 28 -3.45 -10.56 -19.81
C SER A 28 -2.24 -9.64 -19.83
N THR A 29 -1.44 -9.69 -20.90
CA THR A 29 -0.24 -8.88 -20.95
C THR A 29 -0.58 -7.40 -21.02
N ARG A 30 -1.56 -7.06 -21.85
CA ARG A 30 -1.96 -5.66 -21.99
C ARG A 30 -2.53 -5.15 -20.68
N LEU A 31 -3.37 -5.96 -20.03
CA LEU A 31 -3.95 -5.58 -18.74
C LEU A 31 -2.88 -5.39 -17.67
N MET A 32 -1.93 -6.33 -17.56
CA MET A 32 -0.89 -6.17 -16.56
C MET A 32 -0.07 -4.93 -16.83
N SER A 33 0.23 -4.65 -18.11
CA SER A 33 1.00 -3.45 -18.42
C SER A 33 0.24 -2.17 -18.10
N THR A 34 -1.07 -2.16 -18.33
CA THR A 34 -1.91 -0.99 -18.03
C THR A 34 -1.96 -0.78 -16.53
N LEU A 35 -2.03 -1.88 -15.78
CA LEU A 35 -2.09 -1.76 -14.34
C LEU A 35 -0.77 -1.23 -13.78
N ASN A 36 0.36 -1.69 -14.32
CA ASN A 36 1.65 -1.20 -13.87
C ASN A 36 1.81 0.27 -14.17
N ARG A 37 1.30 0.73 -15.33
CA ARG A 37 1.37 2.16 -15.65
C ARG A 37 0.60 2.99 -14.63
N LEU A 38 -0.61 2.54 -14.28
CA LEU A 38 -1.38 3.17 -13.22
C LEU A 38 -0.66 3.10 -11.88
N GLY A 39 -0.11 1.92 -11.58
CA GLY A 39 0.65 1.74 -10.35
C GLY A 39 1.83 2.69 -10.21
N GLY A 40 2.56 2.93 -11.29
CA GLY A 40 3.67 3.89 -11.23
C GLY A 40 3.19 5.28 -10.87
N ARG A 41 2.06 5.69 -11.44
CA ARG A 41 1.51 7.01 -11.12
C ARG A 41 0.98 7.07 -9.69
N GLN A 42 0.35 5.98 -9.22
CA GLN A 42 -0.08 5.96 -7.82
C GLN A 42 1.10 5.98 -6.86
N VAL A 43 2.24 5.36 -7.23
CA VAL A 43 3.41 5.39 -6.36
C VAL A 43 3.94 6.81 -6.26
N VAL A 44 3.93 7.55 -7.37
CA VAL A 44 4.31 8.95 -7.32
C VAL A 44 3.41 9.71 -6.36
N SER A 45 2.10 9.51 -6.45
N SER A 45 2.10 9.44 -6.40
CA SER A 45 1.22 10.15 -5.47
CA SER A 45 1.15 10.09 -5.51
C SER A 45 1.60 9.76 -4.05
C SER A 45 1.38 9.69 -4.05
N ALA A 46 1.89 8.48 -3.83
CA ALA A 46 2.17 8.00 -2.49
C ALA A 46 3.43 8.65 -1.93
N VAL A 47 4.43 8.93 -2.79
CA VAL A 47 5.64 9.57 -2.32
C VAL A 47 5.32 10.99 -1.89
N LYS A 48 4.48 11.67 -2.66
CA LYS A 48 4.08 13.02 -2.28
C LYS A 48 3.31 13.03 -0.97
N TRP A 49 2.46 12.01 -0.78
CA TRP A 49 1.72 11.83 0.46
C TRP A 49 2.68 11.63 1.64
N ALA A 50 3.68 10.77 1.46
CA ALA A 50 4.63 10.50 2.55
C ALA A 50 5.41 11.76 2.93
N LYS A 51 5.78 12.61 1.94
CA LYS A 51 6.45 13.87 2.24
C LYS A 51 5.61 14.78 3.11
N ALA A 52 4.28 14.72 2.94
CA ALA A 52 3.33 15.56 3.67
C ALA A 52 2.92 14.93 5.01
N LEU A 53 3.26 13.69 5.22
CA LEU A 53 2.87 12.92 6.43
C LEU A 53 3.63 13.41 7.64
N PRO A 54 2.96 13.97 8.65
CA PRO A 54 3.69 14.55 9.76
C PRO A 54 4.69 13.59 10.38
N GLY A 55 5.95 14.04 10.47
CA GLY A 55 7.06 13.31 11.04
C GLY A 55 7.94 12.60 10.02
N PHE A 56 7.40 12.28 8.86
CA PHE A 56 8.12 11.38 7.95
C PHE A 56 9.42 12.02 7.46
N ARG A 57 9.39 13.30 7.13
CA ARG A 57 10.63 13.85 6.57
C ARG A 57 11.70 14.10 7.63
N ASN A 58 11.44 13.82 8.91
CA ASN A 58 12.51 13.86 9.89
C ASN A 58 13.43 12.67 9.81
N LEU A 59 13.00 11.62 9.11
CA LEU A 59 13.88 10.49 8.86
C LEU A 59 15.03 10.85 7.95
N HIS A 60 16.16 10.16 8.12
CA HIS A 60 17.23 10.24 7.17
C HIS A 60 16.70 9.91 5.79
N LEU A 61 17.24 10.58 4.77
CA LEU A 61 16.71 10.39 3.43
C LEU A 61 16.83 8.93 2.99
N ASP A 62 17.92 8.25 3.37
CA ASP A 62 18.04 6.84 2.99
C ASP A 62 16.98 5.98 3.67
N ASP A 63 16.52 6.37 4.87
CA ASP A 63 15.41 5.65 5.48
C ASP A 63 14.09 5.96 4.80
N GLN A 64 13.87 7.20 4.37
CA GLN A 64 12.65 7.48 3.63
C GLN A 64 12.59 6.62 2.39
N MET A 65 13.71 6.47 1.72
CA MET A 65 13.77 5.68 0.50
C MET A 65 13.54 4.22 0.80
N THR A 66 14.19 3.69 1.84
CA THR A 66 13.98 2.29 2.22
C THR A 66 12.52 1.98 2.51
N LEU A 67 11.85 2.79 3.35
CA LEU A 67 10.49 2.50 3.75
C LEU A 67 9.54 2.51 2.54
N LEU A 68 9.70 3.48 1.64
N LEU A 68 9.70 3.50 1.64
CA LEU A 68 8.83 3.53 0.47
CA LEU A 68 8.84 3.54 0.47
C LEU A 68 9.13 2.38 -0.49
C LEU A 68 9.13 2.37 -0.48
N GLN A 69 10.41 2.04 -0.67
CA GLN A 69 10.76 0.92 -1.56
C GLN A 69 10.28 -0.40 -1.01
N TYR A 70 10.27 -0.54 0.32
CA TYR A 70 9.87 -1.82 0.90
C TYR A 70 8.35 -1.96 0.99
N SER A 71 7.61 -0.87 1.13
CA SER A 71 6.20 -0.97 1.46
C SER A 71 5.25 -0.61 0.32
N TRP A 72 5.77 -0.23 -0.86
CA TRP A 72 4.89 0.31 -1.89
C TRP A 72 3.72 -0.63 -2.24
N MET A 73 3.97 -1.96 -2.31
CA MET A 73 2.90 -2.84 -2.74
C MET A 73 1.86 -3.00 -1.66
N SER A 74 2.28 -2.96 -0.40
CA SER A 74 1.32 -2.99 0.70
C SER A 74 0.44 -1.76 0.66
N LEU A 75 1.05 -0.59 0.44
CA LEU A 75 0.23 0.62 0.36
C LEU A 75 -0.74 0.54 -0.82
N MET A 76 -0.28 0.12 -2.01
CA MET A 76 -1.16 0.11 -3.17
C MET A 76 -2.27 -0.92 -3.01
N ALA A 77 -1.95 -2.10 -2.47
CA ALA A 77 -2.98 -3.13 -2.36
C ALA A 77 -4.00 -2.76 -1.29
N PHE A 78 -3.54 -2.14 -0.19
CA PHE A 78 -4.45 -1.70 0.87
C PHE A 78 -5.43 -0.66 0.35
N SER A 79 -4.94 0.32 -0.40
N SER A 79 -4.89 0.33 -0.38
CA SER A 79 -5.83 1.33 -0.95
CA SER A 79 -5.70 1.36 -1.04
C SER A 79 -6.75 0.75 -2.04
C SER A 79 -6.70 0.77 -2.02
N LEU A 80 -6.26 -0.21 -2.84
CA LEU A 80 -7.16 -0.87 -3.78
C LEU A 80 -8.26 -1.61 -3.03
N GLY A 81 -7.89 -2.22 -1.90
CA GLY A 81 -8.87 -2.88 -1.05
C GLY A 81 -9.94 -1.93 -0.54
N TRP A 82 -9.50 -0.76 -0.07
CA TRP A 82 -10.44 0.24 0.44
C TRP A 82 -11.38 0.75 -0.67
N ARG A 83 -10.84 1.07 -1.85
CA ARG A 83 -11.69 1.51 -2.95
C ARG A 83 -12.68 0.44 -3.36
N SER A 84 -12.22 -0.80 -3.39
CA SER A 84 -13.10 -1.88 -3.77
C SER A 84 -14.19 -2.10 -2.72
N TYR A 85 -13.84 -1.92 -1.45
CA TYR A 85 -14.82 -1.98 -0.36
C TYR A 85 -15.86 -0.87 -0.47
N LYS A 86 -15.41 0.39 -0.57
CA LYS A 86 -16.35 1.50 -0.56
C LYS A 86 -17.20 1.53 -1.84
N GLN A 87 -16.62 1.15 -2.97
CA GLN A 87 -17.32 1.28 -4.24
C GLN A 87 -18.08 0.05 -4.67
N SER A 88 -17.69 -1.15 -4.21
CA SER A 88 -18.41 -2.33 -4.65
C SER A 88 -18.70 -3.32 -3.53
N ASN A 89 -18.40 -2.98 -2.27
CA ASN A 89 -18.53 -3.89 -1.12
C ASN A 89 -17.68 -5.16 -1.31
N GLY A 90 -16.52 -4.99 -1.95
CA GLY A 90 -15.59 -6.09 -2.15
C GLY A 90 -15.97 -7.07 -3.24
N ASN A 91 -16.87 -6.71 -4.15
CA ASN A 91 -17.24 -7.62 -5.21
C ASN A 91 -16.45 -7.45 -6.50
N MET A 92 -15.90 -6.26 -6.75
CA MET A 92 -15.12 -5.99 -7.95
C MET A 92 -13.85 -5.30 -7.52
N LEU A 93 -12.85 -5.34 -8.40
CA LEU A 93 -11.58 -4.66 -8.17
C LEU A 93 -11.66 -3.27 -8.78
N CYS A 94 -11.69 -2.26 -7.93
CA CYS A 94 -11.96 -0.91 -8.38
C CYS A 94 -10.63 -0.17 -8.49
N PHE A 95 -9.90 -0.46 -9.57
CA PHE A 95 -8.55 0.07 -9.73
C PHE A 95 -8.57 1.58 -9.92
N ALA A 96 -9.52 2.07 -10.68
CA ALA A 96 -9.66 3.48 -11.04
C ALA A 96 -11.09 3.71 -11.47
N PRO A 97 -11.54 4.95 -11.43
CA PRO A 97 -12.90 5.26 -11.90
C PRO A 97 -13.21 4.75 -13.29
N ASP A 98 -12.19 4.67 -14.14
CA ASP A 98 -12.33 4.19 -15.51
C ASP A 98 -11.73 2.80 -15.69
N LEU A 99 -11.48 2.07 -14.60
CA LEU A 99 -10.95 0.70 -14.72
C LEU A 99 -11.46 -0.11 -13.52
N VAL A 100 -12.60 -0.76 -13.74
CA VAL A 100 -13.25 -1.61 -12.76
C VAL A 100 -13.29 -3.01 -13.34
N ILE A 101 -12.79 -3.98 -12.59
CA ILE A 101 -12.67 -5.36 -13.04
C ILE A 101 -13.65 -6.20 -12.23
N ASN A 102 -14.65 -6.75 -12.90
CA ASN A 102 -15.61 -7.62 -12.25
C ASN A 102 -15.17 -9.07 -12.41
N GLU A 103 -15.93 -9.98 -11.79
CA GLU A 103 -15.51 -11.38 -11.67
C GLU A 103 -15.31 -12.03 -13.03
N GLU A 104 -16.11 -11.68 -14.03
CA GLU A 104 -15.94 -12.37 -15.31
C GLU A 104 -14.83 -11.76 -16.16
N ARG A 105 -14.59 -10.45 -16.06
CA ARG A 105 -13.39 -9.90 -16.69
C ARG A 105 -12.12 -10.43 -16.03
N MET A 106 -12.22 -11.02 -14.84
CA MET A 106 -11.06 -11.61 -14.18
C MET A 106 -10.63 -12.90 -14.81
N GLN A 107 -11.52 -13.57 -15.54
CA GLN A 107 -11.24 -14.89 -16.11
C GLN A 107 -10.21 -14.75 -17.21
N LEU A 108 -8.95 -14.62 -16.81
CA LEU A 108 -7.86 -14.34 -17.74
C LEU A 108 -6.60 -15.00 -17.21
N PRO A 109 -5.66 -15.39 -18.09
CA PRO A 109 -4.51 -16.20 -17.67
C PRO A 109 -3.60 -15.48 -16.67
N TYR A 110 -3.18 -16.21 -15.62
CA TYR A 110 -2.42 -15.67 -14.49
C TYR A 110 -3.27 -14.71 -13.68
N MET A 111 -4.15 -13.99 -14.37
CA MET A 111 -4.89 -12.88 -13.76
C MET A 111 -5.86 -13.36 -12.70
N TYR A 112 -6.53 -14.49 -12.92
CA TYR A 112 -7.59 -14.89 -12.00
C TYR A 112 -7.05 -15.08 -10.59
N ASP A 113 -5.93 -15.78 -10.45
CA ASP A 113 -5.40 -16.04 -9.11
C ASP A 113 -4.98 -14.76 -8.41
N GLN A 114 -4.21 -13.91 -9.09
N GLN A 114 -4.23 -13.91 -9.09
CA GLN A 114 -3.80 -12.66 -8.45
CA GLN A 114 -3.81 -12.68 -8.43
C GLN A 114 -5.01 -11.80 -8.10
C GLN A 114 -5.02 -11.81 -8.10
N CYS A 115 -6.04 -11.83 -8.95
CA CYS A 115 -7.22 -11.01 -8.69
C CYS A 115 -7.96 -11.50 -7.45
N GLN A 116 -8.05 -12.81 -7.26
CA GLN A 116 -8.67 -13.30 -6.03
C GLN A 116 -7.87 -12.89 -4.80
N GLN A 117 -6.54 -12.84 -4.89
CA GLN A 117 -5.74 -12.40 -3.76
C GLN A 117 -6.08 -10.96 -3.40
N MET A 118 -6.24 -10.11 -4.41
CA MET A 118 -6.59 -8.71 -4.16
C MET A 118 -8.00 -8.58 -3.55
N LEU A 119 -8.96 -9.38 -4.00
CA LEU A 119 -10.28 -9.36 -3.39
C LEU A 119 -10.26 -9.78 -1.93
N LYS A 120 -9.38 -10.71 -1.55
CA LYS A 120 -9.38 -11.12 -0.15
C LYS A 120 -9.02 -9.96 0.75
N ILE A 121 -8.16 -9.05 0.29
CA ILE A 121 -7.84 -7.88 1.09
C ILE A 121 -9.08 -7.01 1.24
N SER A 122 -9.79 -6.76 0.15
CA SER A 122 -11.04 -6.03 0.24
C SER A 122 -12.04 -6.72 1.17
N SER A 123 -12.08 -8.07 1.16
CA SER A 123 -13.06 -8.77 1.96
C SER A 123 -12.83 -8.60 3.47
N GLU A 124 -11.59 -8.34 3.88
CA GLU A 124 -11.31 -8.04 5.29
C GLU A 124 -11.90 -6.69 5.71
N PHE A 125 -11.89 -5.69 4.83
CA PHE A 125 -12.56 -4.42 5.16
C PHE A 125 -14.06 -4.63 5.38
N VAL A 126 -14.69 -5.49 4.57
CA VAL A 126 -16.11 -5.82 4.72
C VAL A 126 -16.33 -6.52 6.03
N ARG A 127 -15.48 -7.50 6.35
CA ARG A 127 -15.67 -8.30 7.55
C ARG A 127 -15.63 -7.43 8.78
N LEU A 128 -14.66 -6.53 8.84
CA LEU A 128 -14.44 -5.70 10.02
C LEU A 128 -15.18 -4.37 9.97
N GLN A 129 -15.80 -4.03 8.84
CA GLN A 129 -16.51 -2.77 8.68
C GLN A 129 -15.61 -1.61 9.10
N VAL A 130 -14.44 -1.55 8.45
CA VAL A 130 -13.42 -0.58 8.78
C VAL A 130 -13.89 0.85 8.44
N SER A 131 -13.63 1.77 9.36
CA SER A 131 -13.98 3.17 9.13
C SER A 131 -12.87 3.85 8.35
N TYR A 132 -13.23 4.98 7.73
CA TYR A 132 -12.22 5.74 6.99
C TYR A 132 -11.03 6.10 7.85
N ASP A 133 -11.27 6.63 9.06
CA ASP A 133 -10.14 7.03 9.89
C ASP A 133 -9.30 5.84 10.37
N GLU A 134 -9.93 4.69 10.63
CA GLU A 134 -9.12 3.52 10.95
C GLU A 134 -8.24 3.12 9.77
N TYR A 135 -8.80 3.17 8.57
CA TYR A 135 -8.07 2.88 7.34
C TYR A 135 -6.89 3.83 7.16
N LEU A 136 -7.08 5.13 7.35
CA LEU A 136 -5.96 6.05 7.16
C LEU A 136 -4.83 5.78 8.14
N CYS A 137 -5.15 5.49 9.40
CA CYS A 137 -4.11 5.22 10.39
C CYS A 137 -3.39 3.91 10.09
N MET A 138 -4.15 2.89 9.68
CA MET A 138 -3.55 1.62 9.30
C MET A 138 -2.61 1.81 8.13
N LYS A 139 -3.01 2.64 7.17
CA LYS A 139 -2.19 2.84 5.98
C LYS A 139 -0.84 3.46 6.35
N VAL A 140 -0.81 4.38 7.32
N VAL A 140 -0.84 4.43 7.28
CA VAL A 140 0.49 4.91 7.72
CA VAL A 140 0.44 4.93 7.78
C VAL A 140 1.29 3.86 8.47
C VAL A 140 1.27 3.77 8.34
N LEU A 141 0.64 2.93 9.16
CA LEU A 141 1.41 1.89 9.82
C LEU A 141 1.98 0.87 8.82
N LEU A 142 1.33 0.67 7.65
CA LEU A 142 1.93 -0.14 6.59
C LEU A 142 3.20 0.48 6.03
N LEU A 143 3.23 1.81 5.85
CA LEU A 143 4.46 2.46 5.43
C LEU A 143 5.60 2.20 6.40
N LEU A 144 5.27 2.05 7.67
CA LEU A 144 6.23 1.88 8.75
C LEU A 144 6.35 0.43 9.25
N SER A 145 5.99 -0.58 8.45
N SER A 145 5.96 -0.54 8.42
CA SER A 145 5.93 -1.93 8.98
CA SER A 145 5.82 -1.94 8.83
C SER A 145 6.88 -2.93 8.32
C SER A 145 7.00 -2.83 8.46
N THR A 146 7.77 -2.48 7.43
CA THR A 146 8.77 -3.40 6.85
C THR A 146 10.13 -2.71 6.85
N VAL A 147 11.11 -3.29 7.53
CA VAL A 147 12.42 -2.62 7.73
C VAL A 147 13.56 -3.62 7.49
N PRO A 148 14.77 -3.10 7.27
CA PRO A 148 15.92 -3.99 7.14
C PRO A 148 16.18 -4.72 8.45
N LYS A 149 16.60 -5.98 8.35
CA LYS A 149 16.99 -6.68 9.57
C LYS A 149 18.13 -5.96 10.28
N ASP A 150 19.01 -5.31 9.54
CA ASP A 150 20.14 -4.60 10.14
C ASP A 150 19.77 -3.24 10.74
N GLY A 151 18.54 -2.76 10.58
CA GLY A 151 18.12 -1.51 11.19
C GLY A 151 18.11 -0.35 10.22
N LEU A 152 17.66 0.79 10.70
CA LEU A 152 17.61 2.02 9.93
C LEU A 152 18.66 2.99 10.43
N LYS A 153 18.93 4.02 9.63
CA LYS A 153 19.92 5.02 10.02
C LYS A 153 19.40 5.96 11.10
N SER A 154 18.14 6.36 11.04
CA SER A 154 17.54 7.18 12.07
C SER A 154 16.53 6.35 12.84
N GLN A 155 17.05 5.33 13.53
CA GLN A 155 16.20 4.39 14.25
C GLN A 155 15.39 5.07 15.36
N ALA A 156 15.99 6.02 16.05
CA ALA A 156 15.26 6.64 17.14
C ALA A 156 14.10 7.45 16.60
N VAL A 157 14.30 8.15 15.49
CA VAL A 157 13.21 8.90 14.89
C VAL A 157 12.12 7.97 14.40
N PHE A 158 12.52 6.86 13.79
CA PHE A 158 11.55 5.90 13.28
C PHE A 158 10.68 5.36 14.41
N ASP A 159 11.32 4.94 15.52
CA ASP A 159 10.57 4.36 16.62
C ASP A 159 9.56 5.37 17.17
N GLU A 160 9.96 6.63 17.23
CA GLU A 160 9.06 7.68 17.71
C GLU A 160 7.85 7.85 16.78
N ILE A 161 8.07 7.94 15.47
CA ILE A 161 6.98 8.12 14.51
C ILE A 161 6.02 6.94 14.55
N ARG A 162 6.57 5.73 14.57
CA ARG A 162 5.75 4.53 14.54
C ARG A 162 4.86 4.46 15.78
N MET A 163 5.42 4.78 16.94
CA MET A 163 4.64 4.76 18.16
C MET A 163 3.56 5.83 18.12
N THR A 164 3.88 6.99 17.54
CA THR A 164 2.88 8.05 17.38
C THR A 164 1.68 7.58 16.55
N TYR A 165 1.90 6.87 15.45
CA TYR A 165 0.76 6.46 14.67
C TYR A 165 0.08 5.19 15.22
N ILE A 166 0.75 4.41 16.05
CA ILE A 166 0.03 3.36 16.77
C ILE A 166 -0.97 3.98 17.74
N LYS A 167 -0.53 5.03 18.45
CA LYS A 167 -1.42 5.79 19.30
C LYS A 167 -2.57 6.38 18.51
N GLU A 168 -2.30 6.87 17.31
CA GLU A 168 -3.37 7.47 16.52
C GLU A 168 -4.40 6.43 16.07
N LEU A 169 -3.97 5.22 15.70
CA LEU A 169 -4.94 4.18 15.40
C LEU A 169 -5.88 3.97 16.60
N GLY A 170 -5.32 3.95 17.80
CA GLY A 170 -6.17 3.86 19.00
C GLY A 170 -7.20 4.97 19.06
N LYS A 171 -6.79 6.20 18.74
CA LYS A 171 -7.73 7.32 18.75
C LYS A 171 -8.82 7.15 17.70
N ALA A 172 -8.46 6.63 16.52
CA ALA A 172 -9.46 6.36 15.49
C ALA A 172 -10.48 5.34 15.93
N ILE A 173 -10.03 4.30 16.64
CA ILE A 173 -10.94 3.29 17.16
C ILE A 173 -11.94 3.88 18.15
N VAL A 174 -11.45 4.68 19.09
CA VAL A 174 -12.33 5.30 20.06
C VAL A 174 -13.34 6.19 19.36
N LYS A 175 -12.87 6.98 18.39
CA LYS A 175 -13.76 7.87 17.64
C LYS A 175 -14.87 7.10 16.91
N ARG A 176 -14.54 5.91 16.41
CA ARG A 176 -15.49 5.10 15.67
C ARG A 176 -16.65 4.73 16.58
N GLU A 177 -16.43 3.78 17.49
CA GLU A 177 -17.47 3.36 18.41
C GLU A 177 -17.78 4.49 19.39
N GLY A 178 -18.62 4.18 20.37
CA GLY A 178 -18.97 5.11 21.43
C GLY A 178 -18.94 4.38 22.75
N ASN A 179 -19.45 3.16 22.77
CA ASN A 179 -19.11 2.22 23.82
C ASN A 179 -17.63 1.85 23.66
N SER A 180 -16.80 2.47 24.51
CA SER A 180 -15.41 2.06 24.64
C SER A 180 -15.27 0.60 25.01
N SER A 181 -16.39 -0.09 25.28
CA SER A 181 -16.33 -1.46 25.76
C SER A 181 -15.59 -2.39 24.81
N GLN A 182 -15.58 -2.09 23.51
CA GLN A 182 -14.93 -2.95 22.55
C GLN A 182 -13.61 -2.39 22.06
N ASN A 183 -13.06 -1.37 22.71
CA ASN A 183 -11.89 -0.71 22.17
C ASN A 183 -10.68 -1.64 22.10
N TRP A 184 -10.45 -2.45 23.14
CA TRP A 184 -9.31 -3.38 23.05
C TRP A 184 -9.58 -4.47 22.00
N GLN A 185 -10.79 -5.02 21.99
CA GLN A 185 -11.14 -6.03 20.98
C GLN A 185 -10.91 -5.50 19.58
N ARG A 186 -11.29 -4.25 19.33
CA ARG A 186 -11.12 -3.62 18.01
C ARG A 186 -9.65 -3.44 17.66
N PHE A 187 -8.85 -2.95 18.61
CA PHE A 187 -7.42 -2.78 18.39
C PHE A 187 -6.75 -4.12 18.10
N TYR A 188 -7.13 -5.15 18.84
CA TYR A 188 -6.65 -6.50 18.56
C TYR A 188 -6.98 -6.92 17.13
N GLN A 189 -8.23 -6.75 16.69
CA GLN A 189 -8.62 -7.17 15.34
C GLN A 189 -7.86 -6.40 14.28
N LEU A 190 -7.70 -5.11 14.46
CA LEU A 190 -7.05 -4.32 13.40
C LEU A 190 -5.56 -4.57 13.36
N THR A 191 -4.91 -4.80 14.52
CA THR A 191 -3.48 -5.12 14.46
C THR A 191 -3.25 -6.53 13.94
N LYS A 192 -4.19 -7.45 14.19
CA LYS A 192 -4.10 -8.73 13.51
C LYS A 192 -4.23 -8.59 12.00
N LEU A 193 -5.09 -7.68 11.52
CA LEU A 193 -5.19 -7.43 10.08
C LEU A 193 -3.88 -6.87 9.53
N LEU A 194 -3.30 -5.87 10.21
CA LEU A 194 -1.98 -5.37 9.84
C LEU A 194 -0.96 -6.50 9.74
N ASP A 195 -0.89 -7.36 10.75
CA ASP A 195 0.09 -8.43 10.68
C ASP A 195 -0.15 -9.32 9.47
N SER A 196 -1.43 -9.57 9.18
CA SER A 196 -1.79 -10.49 8.09
C SER A 196 -1.49 -9.90 6.72
N MET A 197 -1.36 -8.57 6.64
CA MET A 197 -1.10 -7.97 5.33
C MET A 197 0.22 -8.45 4.73
N HIS A 198 1.21 -8.76 5.58
CA HIS A 198 2.50 -9.21 5.09
C HIS A 198 2.35 -10.47 4.25
N GLU A 199 1.58 -11.44 4.76
CA GLU A 199 1.31 -12.66 3.99
C GLU A 199 0.41 -12.39 2.79
N MET A 200 -0.64 -11.55 2.93
CA MET A 200 -1.60 -11.35 1.85
C MET A 200 -0.93 -10.67 0.67
N VAL A 201 -0.03 -9.74 0.94
CA VAL A 201 0.67 -9.04 -0.12
C VAL A 201 1.87 -9.83 -0.63
N GLY A 202 2.40 -10.77 0.14
CA GLY A 202 3.60 -11.47 -0.29
C GLY A 202 3.43 -12.19 -1.61
N GLY A 203 2.25 -12.75 -1.86
CA GLY A 203 2.02 -13.43 -3.12
C GLY A 203 1.88 -12.49 -4.29
N LEU A 204 1.32 -11.29 -4.03
CA LEU A 204 1.29 -10.28 -5.09
C LEU A 204 2.70 -9.87 -5.48
N LEU A 205 3.54 -9.67 -4.48
CA LEU A 205 4.93 -9.25 -4.70
C LEU A 205 5.72 -10.31 -5.45
N GLN A 206 5.55 -11.57 -5.09
CA GLN A 206 6.27 -12.61 -5.82
C GLN A 206 5.86 -12.62 -7.28
N PHE A 207 4.57 -12.43 -7.55
CA PHE A 207 4.11 -12.44 -8.94
C PHE A 207 4.66 -11.25 -9.69
N CYS A 208 4.64 -10.08 -9.05
CA CYS A 208 5.24 -8.89 -9.63
C CYS A 208 6.73 -9.11 -9.91
N PHE A 209 7.45 -9.71 -8.98
CA PHE A 209 8.87 -9.96 -9.17
C PHE A 209 9.09 -10.86 -10.39
N TYR A 210 8.26 -11.91 -10.52
CA TYR A 210 8.39 -12.80 -11.66
C TYR A 210 8.13 -12.06 -12.97
N THR A 211 7.04 -11.29 -13.05
CA THR A 211 6.75 -10.58 -14.30
C THR A 211 7.79 -9.51 -14.58
N PHE A 212 8.48 -9.04 -13.55
CA PHE A 212 9.53 -8.04 -13.75
C PHE A 212 10.79 -8.67 -14.33
N VAL A 213 11.22 -9.80 -13.75
CA VAL A 213 12.50 -10.39 -14.14
C VAL A 213 12.35 -11.19 -15.42
N ASN A 214 11.17 -11.76 -15.68
CA ASN A 214 10.99 -12.63 -16.85
C ASN A 214 10.57 -11.78 -18.04
N LYS A 215 11.55 -11.24 -18.77
CA LYS A 215 11.24 -10.34 -19.88
C LYS A 215 10.42 -11.04 -20.99
N SER A 216 10.39 -12.37 -21.03
CA SER A 216 9.63 -13.12 -22.04
C SER A 216 8.14 -12.80 -22.00
N LEU A 217 7.60 -12.48 -20.84
CA LEU A 217 6.17 -12.27 -20.73
C LEU A 217 5.73 -10.95 -21.35
N SER A 218 6.68 -10.06 -21.61
CA SER A 218 6.43 -8.79 -22.28
C SER A 218 5.59 -7.85 -21.45
N VAL A 219 5.62 -7.98 -20.12
CA VAL A 219 4.93 -7.03 -19.23
C VAL A 219 5.76 -5.76 -19.09
N GLU A 220 5.10 -4.62 -19.29
CA GLU A 220 5.79 -3.35 -19.23
C GLU A 220 5.70 -2.80 -17.82
N PHE A 221 6.77 -2.18 -17.36
CA PHE A 221 6.79 -1.42 -16.11
C PHE A 221 7.26 0.00 -16.38
N PRO A 222 6.68 1.00 -15.74
CA PRO A 222 7.20 2.36 -15.93
C PRO A 222 8.50 2.56 -15.15
N GLU A 223 9.18 3.66 -15.48
CA GLU A 223 10.58 3.83 -15.04
C GLU A 223 10.73 3.89 -13.52
N MET A 224 9.93 4.71 -12.83
CA MET A 224 10.20 4.79 -11.39
C MET A 224 9.87 3.48 -10.69
N LEU A 225 8.80 2.80 -11.13
CA LEU A 225 8.47 1.51 -10.51
C LEU A 225 9.56 0.49 -10.75
N ALA A 226 10.08 0.45 -11.98
CA ALA A 226 11.17 -0.47 -12.27
C ALA A 226 12.38 -0.22 -11.39
N GLU A 227 12.74 1.05 -11.18
CA GLU A 227 13.85 1.39 -10.29
C GLU A 227 13.61 0.88 -8.88
N ILE A 228 12.39 1.08 -8.36
CA ILE A 228 12.05 0.65 -7.01
C ILE A 228 12.16 -0.86 -6.90
N ILE A 229 11.56 -1.59 -7.86
CA ILE A 229 11.56 -3.06 -7.80
C ILE A 229 12.99 -3.59 -7.88
N SER A 230 13.81 -3.00 -8.76
CA SER A 230 15.17 -3.47 -8.92
C SER A 230 15.96 -3.35 -7.63
N ASN A 231 15.62 -2.39 -6.76
CA ASN A 231 16.26 -2.25 -5.45
C ASN A 231 15.62 -3.13 -4.38
N GLN A 232 14.30 -3.28 -4.42
CA GLN A 232 13.57 -4.04 -3.42
C GLN A 232 13.78 -5.53 -3.60
N LEU A 233 13.76 -5.99 -4.83
N LEU A 233 13.73 -6.01 -4.84
CA LEU A 233 13.68 -7.43 -5.09
CA LEU A 233 13.73 -7.42 -5.18
C LEU A 233 14.85 -8.20 -4.49
C LEU A 233 14.86 -8.19 -4.47
N PRO A 234 16.12 -7.83 -4.70
CA PRO A 234 17.21 -8.63 -4.11
C PRO A 234 17.21 -8.64 -2.60
N LYS A 235 16.75 -7.56 -1.95
CA LYS A 235 16.69 -7.56 -0.50
C LYS A 235 15.62 -8.49 -0.01
N PHE A 236 14.48 -8.51 -0.69
CA PHE A 236 13.40 -9.40 -0.28
C PHE A 236 13.77 -10.86 -0.51
N LYS A 237 14.34 -11.18 -1.68
CA LYS A 237 14.65 -12.59 -1.95
C LYS A 237 15.75 -13.12 -1.05
N ALA A 238 16.68 -12.26 -0.61
CA ALA A 238 17.77 -12.66 0.28
C ALA A 238 17.33 -12.84 1.72
N GLY A 239 16.12 -12.45 2.08
CA GLY A 239 15.68 -12.56 3.44
C GLY A 239 16.29 -11.53 4.35
N SER A 240 16.59 -10.34 3.84
CA SER A 240 17.25 -9.33 4.65
C SER A 240 16.28 -8.30 5.19
N VAL A 241 14.99 -8.51 4.99
CA VAL A 241 13.95 -7.60 5.45
C VAL A 241 13.11 -8.29 6.50
N LYS A 242 12.57 -7.52 7.44
CA LYS A 242 11.66 -8.14 8.38
C LYS A 242 10.41 -7.30 8.58
N PRO A 243 9.28 -7.96 8.82
CA PRO A 243 8.05 -7.24 9.15
C PRO A 243 8.02 -6.98 10.64
N LEU A 244 7.44 -5.82 11.01
CA LEU A 244 7.26 -5.44 12.40
C LEU A 244 5.85 -5.87 12.80
N LEU A 245 5.76 -6.98 13.52
CA LEU A 245 4.48 -7.58 13.86
C LEU A 245 4.02 -7.13 15.25
N PHE A 246 2.71 -7.01 15.41
CA PHE A 246 2.14 -6.71 16.70
C PHE A 246 1.99 -7.95 17.56
N HIS A 247 1.72 -9.10 16.96
CA HIS A 247 1.39 -10.32 17.67
C HIS A 247 2.38 -11.42 17.38
N GLN A 248 2.49 -12.38 18.29
CA GLN A 248 3.16 -13.65 18.02
C GLN A 248 2.67 -14.27 16.72
N LYS A 249 3.53 -14.30 15.70
CA LYS A 249 3.23 -14.94 14.43
C LYS A 249 4.37 -15.85 14.04
N PRO B 1 21.35 9.82 -9.36
CA PRO B 1 20.22 9.84 -8.41
C PRO B 1 18.95 9.23 -8.99
N SER B 2 18.34 8.29 -8.27
CA SER B 2 17.13 7.66 -8.78
C SER B 2 16.00 8.68 -8.89
N LEU B 3 14.96 8.29 -9.65
CA LEU B 3 13.76 9.11 -9.74
C LEU B 3 13.09 9.26 -8.37
N LEU B 4 13.11 8.22 -7.56
CA LEU B 4 12.52 8.31 -6.23
C LEU B 4 13.25 9.33 -5.37
N LYS B 5 14.59 9.29 -5.40
CA LYS B 5 15.37 10.25 -4.62
C LYS B 5 15.11 11.68 -5.09
N LYS B 6 15.08 11.90 -6.41
CA LYS B 6 14.80 13.22 -6.94
C LYS B 6 13.44 13.72 -6.45
N LEU B 7 12.44 12.84 -6.42
CA LEU B 7 11.11 13.24 -5.97
C LEU B 7 11.09 13.55 -4.49
N LEU B 8 11.79 12.76 -3.68
CA LEU B 8 11.86 13.02 -2.25
C LEU B 8 12.59 14.33 -1.97
N LEU B 9 13.55 14.69 -2.82
CA LEU B 9 14.29 15.93 -2.63
C LEU B 9 13.59 17.15 -3.21
N ALA B 10 12.59 16.95 -4.06
CA ALA B 10 11.92 18.08 -4.69
C ALA B 10 11.12 18.88 -3.66
N PRO B 11 11.18 20.22 -3.69
CA PRO B 11 10.33 20.99 -2.77
C PRO B 11 8.87 20.66 -3.00
N ALA B 12 8.12 20.54 -1.91
CA ALA B 12 6.69 20.29 -1.95
C ALA B 12 6.19 19.95 -0.55
#